data_4ZU1
#
_entry.id   4ZU1
#
_cell.length_a   112.530
_cell.length_b   112.530
_cell.length_c   43.364
_cell.angle_alpha   90.00
_cell.angle_beta   90.00
_cell.angle_gamma   90.00
#
_symmetry.space_group_name_H-M   'I 41'
#
loop_
_entity.id
_entity.type
_entity.pdbx_description
1 polymer 'Cysteine synthase'
2 polymer 'C-terminal peptide from Serine acetyltransferase'
3 non-polymer GLYCEROL
4 non-polymer O-ACETYLSERINE
5 water water
#
loop_
_entity_poly.entity_id
_entity_poly.type
_entity_poly.pdbx_seq_one_letter_code
_entity_poly.pdbx_strand_id
1 'polypeptide(L)'
;HHHHHHSSGLVPRGSHMAIYADNSYSIGNTPLVRLKHFGHNGNVVVKIEGRNPSYSV(LLP)CRIGANMVWQAEKDGTLT
KGKEIVDATSGNTGIALAYVAAARGYKITLTMPETMSLERKRLLCGLGVNLVLTEGAKGMKGAIAKAEEIVASDPSRYVM
LKQFENPANPQIHRETTGPEIWKDTDGKVDVVVAGVGTGGSITGISRAIKLDFGKQITSVAVEPVESPVISQTLAGEEVK
PGPHKIQGIGAGFIPKNLDLSIIDRVETVDSDTALATARRLMAEEGILAGISSGAAVAAADRLAKLPEFADKLIVVILPS
ASERYLSTALFEGIEG
;
X
2 'polypeptide(L)' HHTFEYGDGI A
#
# COMPACT_ATOMS: atom_id res chain seq x y z
N ALA A 18 -26.00 2.72 2.32
CA ALA A 18 -26.73 3.82 2.94
C ALA A 18 -25.80 4.97 3.31
N ILE A 19 -26.00 5.53 4.50
CA ILE A 19 -25.26 6.70 4.92
C ILE A 19 -24.23 6.36 5.99
N TYR A 20 -22.98 6.77 5.76
CA TYR A 20 -21.88 6.44 6.66
C TYR A 20 -21.71 7.50 7.75
N ALA A 21 -21.46 7.05 8.97
CA ALA A 21 -21.34 7.92 10.14
C ALA A 21 -20.20 8.92 9.98
N ASP A 22 -19.09 8.47 9.41
CA ASP A 22 -18.02 9.37 9.01
C ASP A 22 -17.25 8.78 7.83
N ASN A 23 -16.35 9.56 7.26
CA ASN A 23 -15.66 9.17 6.03
C ASN A 23 -14.90 7.85 6.16
N SER A 24 -14.39 7.57 7.35
CA SER A 24 -13.63 6.34 7.59
C SER A 24 -14.49 5.10 7.33
N TYR A 25 -15.79 5.22 7.50
CA TYR A 25 -16.68 4.08 7.28
C TYR A 25 -16.95 3.83 5.80
N SER A 26 -16.58 4.78 4.95
CA SER A 26 -16.85 4.66 3.52
C SER A 26 -15.72 3.97 2.75
N ILE A 27 -14.84 3.28 3.47
CA ILE A 27 -13.69 2.63 2.84
C ILE A 27 -14.10 1.44 1.96
N GLY A 28 -13.28 1.17 0.94
CA GLY A 28 -13.41 -0.05 0.17
C GLY A 28 -14.48 -0.05 -0.90
N ASN A 29 -14.90 -1.26 -1.25
CA ASN A 29 -15.87 -1.49 -2.32
C ASN A 29 -15.42 -0.84 -3.63
N THR A 30 -14.15 -1.05 -3.96
CA THR A 30 -13.55 -0.52 -5.18
C THR A 30 -13.79 -1.46 -6.36
N PRO A 31 -13.88 -0.90 -7.59
CA PRO A 31 -14.31 -1.69 -8.74
C PRO A 31 -13.21 -2.52 -9.40
N LEU A 32 -13.61 -3.54 -10.15
CA LEU A 32 -12.71 -4.31 -10.99
C LEU A 32 -12.89 -3.92 -12.45
N VAL A 33 -11.83 -3.47 -13.09
CA VAL A 33 -11.89 -3.06 -14.49
C VAL A 33 -10.97 -3.94 -15.34
N ARG A 34 -11.50 -4.48 -16.44
CA ARG A 34 -10.72 -5.34 -17.32
C ARG A 34 -9.80 -4.53 -18.23
N LEU A 35 -8.58 -5.01 -18.42
CA LEU A 35 -7.61 -4.34 -19.28
C LEU A 35 -7.70 -4.84 -20.72
N LYS A 36 -7.54 -3.92 -21.67
CA LYS A 36 -7.67 -4.28 -23.08
C LYS A 36 -6.33 -4.30 -23.81
N HIS A 37 -5.34 -3.60 -23.26
CA HIS A 37 -4.04 -3.50 -23.90
C HIS A 37 -2.95 -4.20 -23.08
N PHE A 38 -3.38 -4.96 -22.07
CA PHE A 38 -2.46 -5.79 -21.29
C PHE A 38 -3.02 -7.19 -21.16
N GLY A 39 -2.15 -8.16 -20.89
CA GLY A 39 -2.57 -9.53 -20.71
C GLY A 39 -2.97 -10.21 -22.00
N HIS A 40 -3.78 -11.25 -21.87
CA HIS A 40 -4.20 -12.06 -23.01
C HIS A 40 -5.71 -12.25 -23.02
N ASN A 41 -6.39 -11.48 -23.87
CA ASN A 41 -7.84 -11.52 -23.99
C ASN A 41 -8.56 -11.26 -22.67
N GLY A 42 -8.14 -10.21 -21.97
CA GLY A 42 -8.82 -9.78 -20.77
C GLY A 42 -8.68 -10.69 -19.57
N ASN A 43 -7.53 -11.34 -19.43
CA ASN A 43 -7.28 -12.16 -18.25
C ASN A 43 -6.67 -11.32 -17.13
N VAL A 44 -6.39 -10.06 -17.44
CA VAL A 44 -5.90 -9.12 -16.44
C VAL A 44 -6.97 -8.09 -16.08
N VAL A 45 -7.42 -8.13 -14.83
CA VAL A 45 -8.34 -7.13 -14.32
C VAL A 45 -7.68 -6.40 -13.17
N VAL A 46 -8.02 -5.13 -13.00
CA VAL A 46 -7.40 -4.30 -11.99
C VAL A 46 -8.41 -3.79 -10.96
N LYS A 47 -8.02 -3.83 -9.70
CA LYS A 47 -8.81 -3.28 -8.61
C LYS A 47 -8.31 -1.88 -8.31
N ILE A 48 -9.15 -0.88 -8.59
CA ILE A 48 -8.74 0.51 -8.51
C ILE A 48 -8.97 1.08 -7.10
N GLU A 49 -7.95 0.96 -6.27
CA GLU A 49 -8.00 1.40 -4.88
C GLU A 49 -7.91 2.92 -4.75
N GLY A 50 -7.71 3.60 -5.87
CA GLY A 50 -7.72 5.05 -5.90
C GLY A 50 -9.11 5.59 -5.57
N ARG A 51 -10.12 4.73 -5.73
CA ARG A 51 -11.50 5.10 -5.43
C ARG A 51 -11.82 4.94 -3.95
N ASN A 52 -11.03 5.55 -3.10
CA ASN A 52 -11.19 5.45 -1.65
C ASN A 52 -11.30 6.85 -1.02
N PRO A 53 -11.79 6.94 0.24
CA PRO A 53 -12.02 8.24 0.91
C PRO A 53 -10.84 9.22 0.87
N SER A 54 -9.61 8.73 0.94
CA SER A 54 -8.45 9.60 0.75
C SER A 54 -7.67 9.15 -0.47
N TYR A 55 -8.33 8.36 -1.31
CA TYR A 55 -7.86 8.01 -2.65
C TYR A 55 -6.57 7.21 -2.68
N SER A 56 -6.48 6.22 -1.81
CA SER A 56 -5.44 5.20 -1.88
C SER A 56 -5.88 3.97 -1.11
N VAL A 57 -5.14 2.88 -1.25
CA VAL A 57 -5.43 1.64 -0.55
C VAL A 57 -5.27 1.82 0.96
N CYS A 59 -6.35 3.90 2.95
CA CYS A 59 -7.54 4.36 3.66
C CYS A 59 -8.10 3.26 4.57
N ARG A 60 -8.09 2.03 4.07
CA ARG A 60 -8.59 0.87 4.82
C ARG A 60 -7.85 0.65 6.14
N ILE A 61 -6.52 0.68 6.08
CA ILE A 61 -5.73 0.42 7.28
C ILE A 61 -5.67 1.66 8.16
N GLY A 62 -5.83 2.82 7.55
CA GLY A 62 -5.88 4.07 8.28
C GLY A 62 -7.10 4.05 9.18
N ALA A 63 -8.20 3.56 8.61
CA ALA A 63 -9.43 3.42 9.37
C ALA A 63 -9.31 2.32 10.42
N ASN A 64 -8.95 1.11 9.98
CA ASN A 64 -8.99 -0.03 10.88
C ASN A 64 -7.97 0.01 12.02
N MET A 65 -6.81 0.60 11.78
CA MET A 65 -5.81 0.71 12.85
C MET A 65 -6.35 1.62 13.96
N VAL A 66 -6.97 2.71 13.55
CA VAL A 66 -7.60 3.63 14.48
C VAL A 66 -8.74 2.95 15.24
N TRP A 67 -9.62 2.28 14.51
CA TRP A 67 -10.73 1.54 15.12
C TRP A 67 -10.25 0.53 16.16
N GLN A 68 -9.25 -0.26 15.79
CA GLN A 68 -8.70 -1.29 16.67
C GLN A 68 -8.02 -0.68 17.90
N ALA A 69 -7.30 0.42 17.69
CA ALA A 69 -6.67 1.10 18.81
C ALA A 69 -7.73 1.64 19.76
N GLU A 70 -8.87 2.03 19.20
CA GLU A 70 -10.01 2.48 20.00
C GLU A 70 -10.60 1.33 20.81
N LYS A 71 -10.77 0.18 20.17
CA LYS A 71 -11.36 -0.98 20.82
C LYS A 71 -10.44 -1.60 21.87
N ASP A 72 -9.14 -1.40 21.70
CA ASP A 72 -8.15 -1.91 22.65
C ASP A 72 -7.99 -0.95 23.81
N GLY A 73 -8.52 0.25 23.67
CA GLY A 73 -8.40 1.26 24.70
C GLY A 73 -7.11 2.05 24.61
N THR A 74 -6.25 1.66 23.68
CA THR A 74 -4.96 2.34 23.51
C THR A 74 -5.15 3.72 22.87
N LEU A 75 -6.22 3.88 22.09
CA LEU A 75 -6.55 5.18 21.52
C LEU A 75 -7.79 5.74 22.21
N THR A 76 -7.60 6.85 22.93
CA THR A 76 -8.68 7.50 23.65
C THR A 76 -8.69 8.99 23.33
N LYS A 77 -9.74 9.68 23.78
CA LYS A 77 -9.78 11.13 23.66
C LYS A 77 -8.66 11.73 24.49
N GLY A 78 -7.87 12.61 23.87
CA GLY A 78 -6.77 13.25 24.55
C GLY A 78 -5.42 12.66 24.19
N LYS A 79 -5.42 11.47 23.60
CA LYS A 79 -4.19 10.86 23.13
C LYS A 79 -3.91 11.24 21.68
N GLU A 80 -2.64 11.47 21.37
CA GLU A 80 -2.23 11.91 20.05
C GLU A 80 -1.66 10.77 19.22
N ILE A 81 -1.96 10.77 17.92
CA ILE A 81 -1.49 9.74 17.01
C ILE A 81 -0.10 10.07 16.46
N VAL A 82 0.77 9.07 16.39
CA VAL A 82 2.10 9.24 15.84
C VAL A 82 2.49 8.07 14.94
N ASP A 83 2.99 8.38 13.74
CA ASP A 83 3.61 7.36 12.89
C ASP A 83 4.58 8.01 11.90
N ALA A 84 5.21 7.19 11.07
CA ALA A 84 6.29 7.64 10.20
C ALA A 84 5.87 7.72 8.74
N THR A 85 5.20 6.67 8.27
CA THR A 85 4.68 6.51 6.90
C THR A 85 5.47 7.17 5.74
N SER A 86 5.45 8.51 5.68
CA SER A 86 6.01 9.30 4.58
C SER A 86 5.14 9.30 3.32
N GLY A 87 4.26 8.30 3.19
CA GLY A 87 3.45 8.16 1.99
C GLY A 87 1.95 8.33 2.17
N ASN A 88 1.19 7.36 1.68
CA ASN A 88 -0.26 7.44 1.68
C ASN A 88 -0.90 7.12 3.03
N THR A 89 -0.21 6.29 3.82
CA THR A 89 -0.66 5.94 5.15
C THR A 89 -0.84 7.19 6.00
N GLY A 90 0.05 8.16 5.80
CA GLY A 90 -0.06 9.44 6.48
C GLY A 90 -1.33 10.18 6.14
N ILE A 91 -1.69 10.17 4.86
CA ILE A 91 -2.90 10.85 4.40
C ILE A 91 -4.15 10.15 4.95
N ALA A 92 -4.14 8.82 4.91
CA ALA A 92 -5.24 8.03 5.45
C ALA A 92 -5.45 8.29 6.95
N LEU A 93 -4.36 8.17 7.70
CA LEU A 93 -4.39 8.45 9.14
C LEU A 93 -4.85 9.87 9.40
N ALA A 94 -4.45 10.78 8.52
CA ALA A 94 -4.80 12.19 8.66
C ALA A 94 -6.30 12.40 8.51
N TYR A 95 -6.88 11.86 7.44
CA TYR A 95 -8.31 12.04 7.21
C TYR A 95 -9.11 11.33 8.31
N VAL A 96 -8.66 10.16 8.75
CA VAL A 96 -9.38 9.44 9.81
C VAL A 96 -9.31 10.22 11.13
N ALA A 97 -8.15 10.76 11.44
CA ALA A 97 -7.97 11.55 12.66
C ALA A 97 -8.83 12.79 12.63
N ALA A 98 -8.91 13.43 11.46
CA ALA A 98 -9.75 14.61 11.30
C ALA A 98 -11.23 14.25 11.46
N ALA A 99 -11.61 13.10 10.92
CA ALA A 99 -13.01 12.68 10.94
C ALA A 99 -13.47 12.21 12.32
N ARG A 100 -12.56 11.64 13.11
CA ARG A 100 -12.95 11.06 14.39
C ARG A 100 -12.41 11.83 15.59
N GLY A 101 -11.79 12.98 15.32
CA GLY A 101 -11.40 13.91 16.37
C GLY A 101 -10.14 13.56 17.14
N TYR A 102 -9.06 13.28 16.42
CA TYR A 102 -7.77 13.03 17.07
C TYR A 102 -6.70 13.97 16.52
N LYS A 103 -5.88 14.52 17.41
CA LYS A 103 -4.69 15.23 17.01
C LYS A 103 -3.69 14.21 16.50
N ILE A 104 -2.95 14.56 15.46
CA ILE A 104 -2.02 13.60 14.87
C ILE A 104 -0.70 14.26 14.46
N THR A 105 0.41 13.62 14.82
CA THR A 105 1.72 14.07 14.41
C THR A 105 2.35 13.05 13.48
N LEU A 106 2.79 13.50 12.32
CA LEU A 106 3.46 12.62 11.36
C LEU A 106 4.90 13.05 11.14
N THR A 107 5.80 12.08 11.16
CA THR A 107 7.23 12.35 11.04
C THR A 107 7.74 12.04 9.65
N MET A 108 8.43 13.01 9.04
CA MET A 108 9.09 12.83 7.76
C MET A 108 10.01 14.00 7.46
N PRO A 109 11.24 13.68 7.01
CA PRO A 109 12.17 14.66 6.43
C PRO A 109 11.61 15.41 5.23
N GLU A 110 12.34 15.38 4.12
CA GLU A 110 11.92 16.05 2.90
C GLU A 110 12.25 15.23 1.65
N THR A 111 11.31 15.10 0.72
CA THR A 111 9.94 15.60 0.84
C THR A 111 9.02 14.84 -0.10
N MET A 112 9.59 13.92 -0.88
CA MET A 112 8.86 13.22 -1.94
C MET A 112 7.68 12.39 -1.41
N SER A 113 6.48 12.71 -1.89
CA SER A 113 6.31 13.75 -2.91
C SER A 113 5.66 15.02 -2.35
N LEU A 114 5.71 16.08 -3.14
CA LEU A 114 5.29 17.40 -2.67
C LEU A 114 3.77 17.49 -2.49
N GLU A 115 3.02 16.64 -3.17
CA GLU A 115 1.57 16.59 -2.96
C GLU A 115 1.26 15.84 -1.67
N ARG A 116 2.05 14.80 -1.39
CA ARG A 116 2.01 14.14 -0.09
C ARG A 116 2.22 15.19 0.98
N LYS A 117 3.25 16.01 0.80
CA LYS A 117 3.57 17.07 1.75
C LYS A 117 2.48 18.15 1.80
N ARG A 118 1.76 18.30 0.69
CA ARG A 118 0.77 19.38 0.56
C ARG A 118 -0.54 19.05 1.24
N LEU A 119 -1.02 17.83 1.04
CA LEU A 119 -2.29 17.40 1.62
C LEU A 119 -2.27 17.39 3.14
N LEU A 120 -1.19 16.85 3.71
CA LEU A 120 -1.07 16.67 5.16
C LEU A 120 -1.27 17.96 5.93
N CYS A 121 -0.68 19.06 5.44
CA CYS A 121 -0.86 20.35 6.09
C CYS A 121 -2.32 20.80 6.04
N GLY A 122 -2.97 20.52 4.90
CA GLY A 122 -4.37 20.87 4.73
C GLY A 122 -5.29 20.05 5.61
N LEU A 123 -4.84 18.84 5.95
CA LEU A 123 -5.62 17.96 6.81
C LEU A 123 -5.30 18.21 8.28
N GLY A 124 -4.41 19.18 8.51
CA GLY A 124 -4.13 19.64 9.86
C GLY A 124 -3.34 18.70 10.74
N VAL A 125 -2.41 17.95 10.15
CA VAL A 125 -1.53 17.10 10.93
C VAL A 125 -0.28 17.88 11.33
N ASN A 126 0.25 17.57 12.50
CA ASN A 126 1.49 18.19 12.95
C ASN A 126 2.68 17.58 12.22
N LEU A 127 3.14 18.27 11.18
CA LEU A 127 4.32 17.82 10.46
C LEU A 127 5.59 18.20 11.20
N VAL A 128 6.28 17.19 11.71
CA VAL A 128 7.61 17.40 12.29
C VAL A 128 8.66 17.01 11.25
N LEU A 129 9.41 18.00 10.78
CA LEU A 129 10.34 17.80 9.68
C LEU A 129 11.78 17.70 10.18
N THR A 130 12.43 16.58 9.88
CA THR A 130 13.81 16.35 10.29
C THR A 130 14.70 16.04 9.09
N GLU A 131 15.89 15.52 9.35
CA GLU A 131 16.82 15.10 8.30
C GLU A 131 18.07 14.42 8.86
N GLY A 132 18.04 13.10 8.95
CA GLY A 132 19.25 12.35 9.24
C GLY A 132 20.16 12.53 8.05
N ALA A 133 19.84 11.82 6.98
CA ALA A 133 20.30 12.16 5.65
C ALA A 133 19.05 12.31 4.80
N LYS A 134 18.05 12.96 5.40
CA LYS A 134 16.68 12.99 4.88
C LYS A 134 16.16 11.57 4.75
N GLY A 135 15.86 10.94 5.89
CA GLY A 135 15.44 9.55 5.88
C GLY A 135 14.48 9.08 6.96
N MET A 136 13.89 7.92 6.71
CA MET A 136 12.96 7.30 7.64
C MET A 136 13.64 6.81 8.90
N LYS A 137 14.96 6.70 8.90
CA LYS A 137 15.69 6.41 10.12
C LYS A 137 15.50 7.57 11.08
N GLY A 138 15.79 8.78 10.60
CA GLY A 138 15.61 9.98 11.37
C GLY A 138 14.15 10.23 11.70
N ALA A 139 13.26 9.96 10.74
CA ALA A 139 11.83 10.15 10.98
C ALA A 139 11.29 9.24 12.09
N ILE A 140 11.60 7.95 12.00
CA ILE A 140 11.15 6.97 12.99
C ILE A 140 11.79 7.24 14.34
N ALA A 141 13.07 7.64 14.33
CA ALA A 141 13.75 8.00 15.57
C ALA A 141 13.04 9.18 16.25
N LYS A 142 12.71 10.19 15.46
CA LYS A 142 11.99 11.35 15.96
C LYS A 142 10.62 10.96 16.49
N ALA A 143 9.97 10.02 15.81
CA ALA A 143 8.68 9.51 16.23
C ALA A 143 8.79 8.88 17.61
N GLU A 144 9.75 7.97 17.76
CA GLU A 144 10.03 7.33 19.04
C GLU A 144 10.30 8.37 20.12
N GLU A 145 11.03 9.42 19.76
CA GLU A 145 11.33 10.49 20.71
C GLU A 145 10.09 11.24 21.18
N ILE A 146 9.23 11.60 20.23
CA ILE A 146 7.99 12.32 20.57
C ILE A 146 7.09 11.42 21.40
N VAL A 147 7.11 10.12 21.12
CA VAL A 147 6.38 9.16 21.94
C VAL A 147 6.95 9.19 23.37
N ALA A 148 8.28 9.26 23.47
CA ALA A 148 8.95 9.34 24.77
C ALA A 148 8.80 10.74 25.37
N SER A 149 7.55 11.15 25.59
CA SER A 149 7.23 12.42 26.21
C SER A 149 5.76 12.36 26.65
N ASP A 150 5.55 11.85 27.85
CA ASP A 150 4.23 11.37 28.28
C ASP A 150 3.75 10.34 27.26
N PRO A 151 4.34 9.13 27.30
CA PRO A 151 3.96 8.06 26.36
C PRO A 151 2.51 7.63 26.50
N SER A 152 1.84 8.12 27.54
CA SER A 152 0.41 7.89 27.70
C SER A 152 -0.39 8.99 27.01
N ARG A 153 0.31 9.81 26.23
CA ARG A 153 -0.33 10.88 25.46
C ARG A 153 -0.13 10.67 23.97
N TYR A 154 0.92 9.93 23.61
CA TYR A 154 1.20 9.62 22.22
C TYR A 154 1.05 8.12 21.96
N VAL A 155 0.38 7.78 20.86
CA VAL A 155 0.21 6.39 20.48
C VAL A 155 0.74 6.14 19.07
N MET A 156 1.68 5.21 18.94
CA MET A 156 2.21 4.86 17.63
C MET A 156 1.48 3.65 17.07
N LEU A 157 0.97 3.77 15.85
CA LEU A 157 0.16 2.72 15.25
C LEU A 157 0.99 1.68 14.50
N LYS A 158 2.17 2.07 14.05
CA LYS A 158 3.14 1.15 13.45
C LYS A 158 2.57 0.30 12.31
N GLN A 159 2.37 0.90 11.14
CA GLN A 159 1.73 0.21 10.03
C GLN A 159 2.51 -1.02 9.54
N PHE A 160 3.81 -1.06 9.81
CA PHE A 160 4.64 -2.15 9.31
C PHE A 160 4.52 -3.43 10.12
N GLU A 161 3.94 -3.36 11.32
CA GLU A 161 3.81 -4.57 12.14
C GLU A 161 2.44 -4.71 12.79
N ASN A 162 1.59 -3.69 12.64
CA ASN A 162 0.25 -3.70 13.22
C ASN A 162 -0.67 -4.67 12.50
N PRO A 163 -1.11 -5.74 13.20
CA PRO A 163 -1.96 -6.79 12.60
C PRO A 163 -3.30 -6.28 12.04
N ALA A 164 -3.76 -5.13 12.50
CA ALA A 164 -4.99 -4.55 11.98
C ALA A 164 -4.86 -4.19 10.49
N ASN A 165 -3.63 -3.90 10.08
CA ASN A 165 -3.29 -3.63 8.69
C ASN A 165 -3.66 -4.83 7.80
N PRO A 166 -3.02 -6.00 7.99
CA PRO A 166 -3.51 -7.08 7.11
C PRO A 166 -4.93 -7.53 7.45
N GLN A 167 -5.37 -7.30 8.69
CA GLN A 167 -6.71 -7.71 9.09
C GLN A 167 -7.80 -7.06 8.23
N ILE A 168 -7.70 -5.75 8.02
CA ILE A 168 -8.73 -5.06 7.25
C ILE A 168 -8.74 -5.56 5.79
N HIS A 169 -7.57 -5.91 5.27
CA HIS A 169 -7.49 -6.44 3.91
C HIS A 169 -8.09 -7.82 3.85
N ARG A 170 -7.95 -8.59 4.93
CA ARG A 170 -8.55 -9.91 4.99
C ARG A 170 -10.07 -9.82 5.09
N GLU A 171 -10.56 -8.75 5.73
CA GLU A 171 -11.98 -8.63 5.97
C GLU A 171 -12.75 -7.91 4.85
N THR A 172 -12.09 -7.04 4.10
CA THR A 172 -12.78 -6.29 3.06
C THR A 172 -12.23 -6.56 1.66
N THR A 173 -10.98 -6.15 1.40
CA THR A 173 -10.40 -6.22 0.06
C THR A 173 -10.50 -7.61 -0.58
N GLY A 174 -10.02 -8.62 0.15
CA GLY A 174 -10.12 -10.01 -0.29
C GLY A 174 -11.52 -10.43 -0.66
N PRO A 175 -12.45 -10.40 0.30
CA PRO A 175 -13.87 -10.72 0.04
C PRO A 175 -14.46 -9.93 -1.12
N GLU A 176 -14.01 -8.69 -1.33
CA GLU A 176 -14.49 -7.88 -2.46
C GLU A 176 -14.00 -8.49 -3.77
N ILE A 177 -12.73 -8.89 -3.79
CA ILE A 177 -12.17 -9.53 -4.98
C ILE A 177 -12.91 -10.83 -5.29
N TRP A 178 -13.06 -11.68 -4.27
CA TRP A 178 -13.75 -12.95 -4.41
C TRP A 178 -15.19 -12.77 -4.90
N LYS A 179 -15.90 -11.83 -4.28
CA LYS A 179 -17.28 -11.52 -4.63
C LYS A 179 -17.40 -11.04 -6.07
N ASP A 180 -16.57 -10.08 -6.44
CA ASP A 180 -16.68 -9.46 -7.76
C ASP A 180 -16.20 -10.38 -8.88
N THR A 181 -15.34 -11.35 -8.55
CA THR A 181 -14.91 -12.32 -9.56
C THR A 181 -15.75 -13.59 -9.53
N ASP A 182 -16.73 -13.63 -8.62
CA ASP A 182 -17.56 -14.81 -8.40
C ASP A 182 -16.70 -16.04 -8.15
N GLY A 183 -15.64 -15.86 -7.36
CA GLY A 183 -14.75 -16.94 -6.99
C GLY A 183 -13.91 -17.48 -8.14
N LYS A 184 -13.74 -16.69 -9.19
CA LYS A 184 -12.99 -17.15 -10.35
C LYS A 184 -11.55 -16.65 -10.35
N VAL A 185 -11.23 -15.76 -9.42
CA VAL A 185 -9.88 -15.23 -9.31
C VAL A 185 -8.86 -16.36 -9.17
N ASP A 186 -7.85 -16.35 -10.02
CA ASP A 186 -6.81 -17.38 -10.02
C ASP A 186 -5.49 -16.84 -9.48
N VAL A 187 -5.24 -15.56 -9.72
CA VAL A 187 -3.98 -14.94 -9.33
C VAL A 187 -4.20 -13.55 -8.75
N VAL A 188 -3.51 -13.24 -7.66
CA VAL A 188 -3.52 -11.89 -7.12
C VAL A 188 -2.12 -11.31 -7.17
N VAL A 189 -1.99 -10.17 -7.85
CA VAL A 189 -0.70 -9.49 -7.98
C VAL A 189 -0.75 -8.16 -7.21
N ALA A 190 0.22 -7.98 -6.31
CA ALA A 190 0.23 -6.80 -5.46
C ALA A 190 1.65 -6.41 -5.03
N GLY A 191 2.00 -5.15 -5.23
CA GLY A 191 3.27 -4.64 -4.75
C GLY A 191 3.30 -4.68 -3.23
N VAL A 192 4.50 -4.77 -2.67
CA VAL A 192 4.65 -4.90 -1.23
C VAL A 192 5.34 -3.70 -0.60
N GLY A 193 4.64 -3.03 0.31
CA GLY A 193 5.20 -1.94 1.07
C GLY A 193 5.24 -2.34 2.53
N THR A 194 4.07 -2.51 3.13
CA THR A 194 3.95 -3.10 4.46
C THR A 194 3.73 -4.60 4.33
N GLY A 195 3.16 -5.02 3.20
CA GLY A 195 2.85 -6.42 2.95
C GLY A 195 1.40 -6.74 3.31
N GLY A 196 0.75 -5.78 3.95
CA GLY A 196 -0.61 -5.95 4.43
C GLY A 196 -1.61 -6.34 3.37
N SER A 197 -1.52 -5.71 2.20
CA SER A 197 -2.48 -5.98 1.13
C SER A 197 -2.45 -7.44 0.70
N ILE A 198 -1.31 -7.89 0.20
CA ILE A 198 -1.18 -9.26 -0.28
CA ILE A 198 -1.21 -9.26 -0.29
C ILE A 198 -1.38 -10.26 0.85
N THR A 199 -0.96 -9.90 2.06
CA THR A 199 -1.12 -10.80 3.21
C THR A 199 -2.60 -11.03 3.53
N GLY A 200 -3.32 -9.95 3.76
CA GLY A 200 -4.73 -10.01 4.07
C GLY A 200 -5.55 -10.66 2.98
N ILE A 201 -5.32 -10.21 1.74
CA ILE A 201 -6.05 -10.76 0.60
C ILE A 201 -5.80 -12.26 0.45
N SER A 202 -4.53 -12.66 0.43
CA SER A 202 -4.17 -14.07 0.30
C SER A 202 -4.77 -14.90 1.42
N ARG A 203 -4.74 -14.37 2.64
CA ARG A 203 -5.33 -15.09 3.77
C ARG A 203 -6.83 -15.29 3.56
N ALA A 204 -7.51 -14.23 3.11
CA ALA A 204 -8.94 -14.31 2.87
C ALA A 204 -9.30 -15.35 1.80
N ILE A 205 -8.65 -15.26 0.65
CA ILE A 205 -9.04 -16.12 -0.47
C ILE A 205 -8.56 -17.57 -0.29
N LYS A 206 -7.35 -17.75 0.24
CA LYS A 206 -6.80 -19.08 0.44
C LYS A 206 -7.38 -19.81 1.65
N LEU A 207 -7.57 -19.10 2.76
CA LEU A 207 -7.92 -19.75 4.02
C LEU A 207 -9.40 -19.66 4.35
N ASP A 208 -9.99 -18.48 4.18
CA ASP A 208 -11.40 -18.29 4.50
C ASP A 208 -12.31 -18.81 3.39
N PHE A 209 -11.89 -18.64 2.14
CA PHE A 209 -12.68 -19.13 1.00
C PHE A 209 -12.17 -20.48 0.51
N GLY A 210 -10.90 -20.77 0.77
CA GLY A 210 -10.36 -22.09 0.48
C GLY A 210 -9.98 -22.37 -0.96
N LYS A 211 -9.66 -21.33 -1.72
CA LYS A 211 -9.19 -21.54 -3.09
C LYS A 211 -7.68 -21.35 -3.20
N GLN A 212 -7.02 -22.31 -3.84
CA GLN A 212 -5.56 -22.28 -3.97
C GLN A 212 -5.12 -21.40 -5.14
N ILE A 213 -5.07 -20.10 -4.90
CA ILE A 213 -4.64 -19.15 -5.91
C ILE A 213 -3.13 -18.94 -5.88
N THR A 214 -2.62 -18.17 -6.84
CA THR A 214 -1.22 -17.79 -6.85
C THR A 214 -1.06 -16.36 -6.34
N SER A 215 -0.46 -16.21 -5.17
CA SER A 215 -0.20 -14.90 -4.60
C SER A 215 1.16 -14.38 -5.07
N VAL A 216 1.15 -13.24 -5.75
CA VAL A 216 2.35 -12.70 -6.38
C VAL A 216 2.76 -11.37 -5.76
N ALA A 217 3.91 -11.36 -5.09
CA ALA A 217 4.44 -10.13 -4.53
C ALA A 217 5.30 -9.43 -5.56
N VAL A 218 5.20 -8.10 -5.62
CA VAL A 218 5.99 -7.32 -6.55
C VAL A 218 6.91 -6.36 -5.80
N GLU A 219 8.15 -6.30 -6.23
CA GLU A 219 9.13 -5.43 -5.60
C GLU A 219 10.03 -4.80 -6.66
N PRO A 220 10.66 -3.66 -6.33
CA PRO A 220 11.58 -3.05 -7.30
C PRO A 220 12.80 -3.92 -7.52
N VAL A 221 13.26 -4.02 -8.77
CA VAL A 221 14.46 -4.78 -9.06
C VAL A 221 15.69 -4.06 -8.50
N GLU A 222 15.53 -2.77 -8.20
CA GLU A 222 16.60 -1.97 -7.60
C GLU A 222 16.78 -2.30 -6.13
N SER A 223 15.78 -2.95 -5.54
CA SER A 223 15.82 -3.29 -4.12
C SER A 223 15.00 -4.55 -3.85
N PRO A 224 15.47 -5.69 -4.36
CA PRO A 224 14.71 -6.94 -4.30
C PRO A 224 15.02 -7.77 -3.06
N VAL A 225 14.83 -7.18 -1.89
CA VAL A 225 15.18 -7.83 -0.63
C VAL A 225 14.39 -9.11 -0.39
N ILE A 226 13.17 -9.19 -0.92
CA ILE A 226 12.34 -10.38 -0.74
C ILE A 226 12.91 -11.54 -1.56
N SER A 227 13.19 -11.25 -2.83
CA SER A 227 13.79 -12.25 -3.72
C SER A 227 15.14 -12.71 -3.18
N GLN A 228 15.96 -11.76 -2.75
CA GLN A 228 17.27 -12.06 -2.21
C GLN A 228 17.18 -12.91 -0.95
N THR A 229 16.22 -12.58 -0.08
CA THR A 229 16.03 -13.35 1.14
C THR A 229 15.60 -14.78 0.82
N LEU A 230 14.54 -14.91 0.03
CA LEU A 230 14.00 -16.22 -0.32
C LEU A 230 15.02 -17.08 -1.06
N ALA A 231 15.89 -16.45 -1.83
CA ALA A 231 16.92 -17.18 -2.58
C ALA A 231 18.16 -17.43 -1.72
N GLY A 232 18.13 -16.93 -0.48
CA GLY A 232 19.24 -17.09 0.44
C GLY A 232 20.49 -16.38 -0.03
N GLU A 233 20.30 -15.29 -0.77
CA GLU A 233 21.40 -14.48 -1.25
C GLU A 233 21.58 -13.25 -0.36
N GLU A 234 22.64 -12.48 -0.61
CA GLU A 234 22.93 -11.29 0.17
C GLU A 234 21.85 -10.22 -0.02
N VAL A 235 21.24 -9.79 1.08
CA VAL A 235 20.20 -8.78 1.02
C VAL A 235 20.80 -7.39 0.79
N LYS A 236 20.55 -6.82 -0.37
CA LYS A 236 21.10 -5.51 -0.71
C LYS A 236 20.01 -4.55 -1.17
N PRO A 237 19.46 -3.78 -0.23
CA PRO A 237 18.46 -2.74 -0.57
C PRO A 237 19.09 -1.61 -1.38
N GLY A 238 18.27 -0.91 -2.16
CA GLY A 238 18.75 0.19 -2.96
C GLY A 238 17.69 1.25 -3.21
N PRO A 239 18.09 2.37 -3.82
CA PRO A 239 17.18 3.46 -4.17
C PRO A 239 16.37 3.16 -5.43
N HIS A 240 15.13 3.62 -5.47
CA HIS A 240 14.25 3.40 -6.61
C HIS A 240 13.16 4.48 -6.66
N LYS A 241 12.45 4.56 -7.78
CA LYS A 241 11.46 5.62 -7.97
C LYS A 241 10.02 5.14 -7.77
N ILE A 242 9.85 3.89 -7.35
CA ILE A 242 8.51 3.31 -7.23
C ILE A 242 7.89 3.57 -5.85
N GLN A 243 7.19 4.69 -5.73
CA GLN A 243 6.56 5.11 -4.47
C GLN A 243 5.58 4.08 -3.93
N GLY A 244 5.70 3.77 -2.64
CA GLY A 244 4.76 2.89 -1.98
C GLY A 244 5.29 1.50 -1.66
N ILE A 245 6.25 1.03 -2.45
CA ILE A 245 6.82 -0.29 -2.22
C ILE A 245 8.34 -0.21 -2.07
N GLY A 246 8.97 -1.37 -1.91
CA GLY A 246 10.41 -1.45 -1.80
C GLY A 246 10.94 -0.80 -0.54
N ALA A 247 10.45 -1.24 0.61
CA ALA A 247 10.86 -0.69 1.89
C ALA A 247 12.32 -0.96 2.23
N GLY A 248 12.94 -1.89 1.50
CA GLY A 248 14.34 -2.21 1.73
C GLY A 248 14.56 -3.16 2.89
N PHE A 249 13.46 -3.69 3.43
CA PHE A 249 13.54 -4.71 4.46
C PHE A 249 12.30 -5.60 4.37
N ILE A 250 12.31 -6.71 5.11
CA ILE A 250 11.15 -7.58 5.19
C ILE A 250 10.25 -7.14 6.34
N PRO A 251 9.13 -6.49 6.01
CA PRO A 251 8.22 -5.99 7.04
C PRO A 251 7.47 -7.12 7.74
N LYS A 252 7.08 -6.92 8.99
CA LYS A 252 6.39 -7.96 9.74
C LYS A 252 5.00 -8.27 9.17
N ASN A 253 4.38 -7.29 8.50
CA ASN A 253 3.06 -7.48 7.93
C ASN A 253 3.09 -8.18 6.57
N LEU A 254 4.27 -8.65 6.16
CA LEU A 254 4.39 -9.50 4.99
C LEU A 254 4.49 -10.96 5.41
N ASP A 255 3.46 -11.74 5.08
CA ASP A 255 3.45 -13.15 5.41
C ASP A 255 4.08 -13.96 4.29
N LEU A 256 5.40 -14.12 4.36
CA LEU A 256 6.15 -14.87 3.35
C LEU A 256 5.52 -16.23 3.05
N SER A 257 4.93 -16.83 4.09
CA SER A 257 4.34 -18.16 3.99
C SER A 257 3.23 -18.25 2.95
N ILE A 258 2.51 -17.16 2.70
CA ILE A 258 1.45 -17.22 1.69
C ILE A 258 1.88 -16.63 0.35
N ILE A 259 3.17 -16.29 0.24
CA ILE A 259 3.68 -15.75 -1.02
C ILE A 259 4.16 -16.88 -1.93
N ASP A 260 3.46 -17.07 -3.04
CA ASP A 260 3.78 -18.15 -3.98
C ASP A 260 4.86 -17.74 -4.96
N ARG A 261 4.95 -16.45 -5.25
CA ARG A 261 5.82 -15.98 -6.31
C ARG A 261 6.21 -14.52 -6.12
N VAL A 262 7.43 -14.18 -6.49
CA VAL A 262 7.91 -12.80 -6.38
C VAL A 262 8.37 -12.28 -7.75
N GLU A 263 7.85 -11.12 -8.14
CA GLU A 263 8.24 -10.50 -9.41
C GLU A 263 8.95 -9.18 -9.17
N THR A 264 10.02 -8.94 -9.92
CA THR A 264 10.73 -7.67 -9.84
C THR A 264 10.47 -6.80 -11.07
N VAL A 265 10.26 -5.52 -10.83
CA VAL A 265 10.02 -4.55 -11.89
C VAL A 265 10.95 -3.35 -11.69
N ASP A 266 11.43 -2.76 -12.79
CA ASP A 266 12.29 -1.58 -12.69
C ASP A 266 11.47 -0.28 -12.73
N SER A 267 12.08 0.80 -12.27
CA SER A 267 11.41 2.08 -12.14
C SER A 267 10.91 2.62 -13.48
N ASP A 268 11.77 2.55 -14.49
CA ASP A 268 11.44 3.01 -15.83
C ASP A 268 10.22 2.29 -16.39
N THR A 269 10.24 0.97 -16.31
CA THR A 269 9.15 0.16 -16.83
C THR A 269 7.86 0.41 -16.05
N ALA A 270 7.98 0.57 -14.73
CA ALA A 270 6.82 0.88 -13.90
C ALA A 270 6.18 2.20 -14.35
N LEU A 271 7.02 3.22 -14.48
CA LEU A 271 6.60 4.54 -14.92
C LEU A 271 5.89 4.49 -16.28
N ALA A 272 6.57 3.87 -17.25
CA ALA A 272 6.03 3.71 -18.59
C ALA A 272 4.70 2.96 -18.57
N THR A 273 4.58 2.00 -17.67
CA THR A 273 3.36 1.21 -17.57
C THR A 273 2.22 2.05 -17.02
N ALA A 274 2.54 2.93 -16.07
CA ALA A 274 1.54 3.85 -15.54
C ALA A 274 1.03 4.79 -16.64
N ARG A 275 1.99 5.39 -17.35
CA ARG A 275 1.65 6.25 -18.49
C ARG A 275 0.79 5.51 -19.50
N ARG A 276 1.11 4.25 -19.73
CA ARG A 276 0.33 3.42 -20.64
C ARG A 276 -1.07 3.17 -20.14
N LEU A 277 -1.22 2.99 -18.83
CA LEU A 277 -2.54 2.81 -18.24
C LEU A 277 -3.37 4.06 -18.51
N MET A 278 -2.76 5.22 -18.29
CA MET A 278 -3.44 6.48 -18.59
C MET A 278 -3.85 6.59 -20.07
N ALA A 279 -2.86 6.59 -20.95
CA ALA A 279 -3.06 6.91 -22.36
C ALA A 279 -3.83 5.85 -23.13
N GLU A 280 -3.72 4.60 -22.71
CA GLU A 280 -4.31 3.49 -23.47
C GLU A 280 -5.54 2.89 -22.79
N GLU A 281 -5.60 2.97 -21.47
CA GLU A 281 -6.74 2.38 -20.75
C GLU A 281 -7.65 3.44 -20.14
N GLY A 282 -7.19 4.69 -20.14
CA GLY A 282 -7.94 5.76 -19.52
C GLY A 282 -8.05 5.54 -18.02
N ILE A 283 -7.01 4.94 -17.45
CA ILE A 283 -6.97 4.68 -16.01
C ILE A 283 -5.88 5.52 -15.35
N LEU A 284 -6.30 6.41 -14.45
CA LEU A 284 -5.37 7.30 -13.75
C LEU A 284 -4.68 6.56 -12.60
N ALA A 285 -3.63 5.83 -12.94
CA ALA A 285 -2.97 4.99 -11.96
C ALA A 285 -1.61 5.54 -11.55
N GLY A 286 -1.13 5.11 -10.38
CA GLY A 286 0.15 5.56 -9.88
C GLY A 286 1.32 4.70 -10.33
N ILE A 287 2.51 5.08 -9.87
CA ILE A 287 3.76 4.40 -10.25
C ILE A 287 3.76 2.93 -9.85
N SER A 288 3.45 2.66 -8.59
CA SER A 288 3.38 1.29 -8.09
C SER A 288 2.30 0.50 -8.82
N SER A 289 1.23 1.21 -9.24
CA SER A 289 0.21 0.59 -10.06
C SER A 289 0.82 0.12 -11.38
N GLY A 290 1.65 0.98 -11.95
CA GLY A 290 2.41 0.63 -13.15
C GLY A 290 3.29 -0.61 -12.95
N ALA A 291 3.99 -0.66 -11.82
CA ALA A 291 4.83 -1.83 -11.52
C ALA A 291 4.01 -3.13 -11.43
N ALA A 292 2.95 -3.07 -10.64
CA ALA A 292 2.05 -4.21 -10.45
C ALA A 292 1.49 -4.70 -11.78
N VAL A 293 1.05 -3.76 -12.62
CA VAL A 293 0.52 -4.12 -13.93
C VAL A 293 1.60 -4.73 -14.82
N ALA A 294 2.83 -4.21 -14.75
CA ALA A 294 3.92 -4.79 -15.55
C ALA A 294 4.15 -6.25 -15.16
N ALA A 295 4.33 -6.50 -13.87
CA ALA A 295 4.52 -7.87 -13.39
C ALA A 295 3.36 -8.78 -13.80
N ALA A 296 2.14 -8.29 -13.61
CA ALA A 296 0.94 -9.04 -13.93
C ALA A 296 0.84 -9.37 -15.41
N ASP A 297 1.34 -8.46 -16.25
CA ASP A 297 1.32 -8.65 -17.70
C ASP A 297 2.33 -9.73 -18.07
N ARG A 298 3.52 -9.63 -17.48
CA ARG A 298 4.54 -10.65 -17.67
C ARG A 298 3.99 -12.04 -17.32
N LEU A 299 3.29 -12.15 -16.20
CA LEU A 299 2.70 -13.44 -15.84
C LEU A 299 1.59 -13.83 -16.82
N ALA A 300 0.82 -12.84 -17.26
CA ALA A 300 -0.36 -13.07 -18.07
C ALA A 300 -0.01 -13.59 -19.45
N LYS A 301 1.17 -13.24 -19.94
CA LYS A 301 1.58 -13.68 -21.26
C LYS A 301 2.41 -14.96 -21.22
N LEU A 302 2.40 -15.62 -20.07
CA LEU A 302 2.89 -16.99 -19.97
C LEU A 302 1.71 -17.93 -20.19
N PRO A 303 1.89 -18.97 -21.02
CA PRO A 303 0.83 -19.95 -21.27
C PRO A 303 0.27 -20.53 -19.98
N GLU A 304 1.16 -20.75 -19.01
CA GLU A 304 0.78 -21.24 -17.69
C GLU A 304 -0.36 -20.45 -17.04
N PHE A 305 -0.42 -19.16 -17.34
CA PHE A 305 -1.47 -18.31 -16.79
C PHE A 305 -2.34 -17.71 -17.89
N ALA A 306 -2.19 -18.22 -19.12
CA ALA A 306 -2.89 -17.66 -20.27
C ALA A 306 -4.42 -17.71 -20.11
N ASP A 307 -4.91 -18.74 -19.43
CA ASP A 307 -6.34 -18.92 -19.27
C ASP A 307 -6.77 -18.76 -17.81
N LYS A 308 -5.98 -18.01 -17.05
CA LYS A 308 -6.28 -17.77 -15.64
C LYS A 308 -6.68 -16.31 -15.39
N LEU A 309 -7.55 -16.08 -14.42
CA LEU A 309 -7.99 -14.74 -14.09
C LEU A 309 -7.00 -14.06 -13.14
N ILE A 310 -6.37 -12.99 -13.61
CA ILE A 310 -5.37 -12.28 -12.82
C ILE A 310 -5.92 -10.97 -12.26
N VAL A 311 -5.92 -10.83 -10.94
CA VAL A 311 -6.39 -9.61 -10.30
C VAL A 311 -5.20 -8.80 -9.78
N VAL A 312 -5.16 -7.53 -10.18
CA VAL A 312 -4.01 -6.67 -9.90
C VAL A 312 -4.42 -5.46 -9.06
N ILE A 313 -3.75 -5.25 -7.93
CA ILE A 313 -4.08 -4.12 -7.07
C ILE A 313 -3.44 -2.82 -7.57
N LEU A 314 -4.28 -1.81 -7.80
CA LEU A 314 -3.79 -0.48 -8.12
C LEU A 314 -3.95 0.42 -6.90
N PRO A 315 -2.86 0.63 -6.16
CA PRO A 315 -2.87 1.27 -4.83
C PRO A 315 -3.31 2.73 -4.81
N SER A 316 -2.82 3.56 -5.75
CA SER A 316 -3.08 4.99 -5.69
C SER A 316 -3.41 5.61 -7.05
N ALA A 317 -3.62 6.92 -7.06
CA ALA A 317 -4.01 7.65 -8.27
C ALA A 317 -2.93 8.63 -8.75
N SER A 318 -2.81 8.74 -10.07
CA SER A 318 -1.73 9.48 -10.71
C SER A 318 -1.66 10.96 -10.31
N GLU A 319 -2.78 11.53 -9.86
CA GLU A 319 -2.79 12.93 -9.45
C GLU A 319 -1.94 13.17 -8.20
N ARG A 320 -1.55 12.10 -7.52
CA ARG A 320 -0.67 12.22 -6.37
C ARG A 320 0.79 12.13 -6.80
N TYR A 321 1.04 12.29 -8.09
CA TYR A 321 2.38 12.10 -8.64
C TYR A 321 2.73 13.13 -9.70
N LEU A 322 2.03 14.26 -9.70
CA LEU A 322 2.27 15.32 -10.67
C LEU A 322 3.67 15.92 -10.50
N SER A 323 4.15 15.94 -9.26
CA SER A 323 5.47 16.50 -8.97
C SER A 323 6.58 15.50 -9.29
N THR A 324 6.21 14.26 -9.57
CA THR A 324 7.16 13.19 -9.79
C THR A 324 7.57 13.07 -11.25
N ALA A 325 8.30 12.00 -11.57
CA ALA A 325 8.77 11.75 -12.93
C ALA A 325 7.69 11.11 -13.79
N LEU A 326 6.51 10.90 -13.20
CA LEU A 326 5.38 10.33 -13.94
C LEU A 326 4.93 11.27 -15.04
N PHE A 327 5.00 12.58 -14.77
CA PHE A 327 4.61 13.59 -15.74
C PHE A 327 5.80 14.39 -16.22
N THR B 3 13.74 9.52 -4.70
CA THR B 3 13.85 8.07 -4.61
C THR B 3 13.56 7.60 -3.18
N PHE B 4 13.49 6.28 -2.99
CA PHE B 4 13.00 5.73 -1.73
C PHE B 4 13.78 4.50 -1.27
N GLU B 5 13.89 4.35 0.05
CA GLU B 5 14.58 3.21 0.65
C GLU B 5 13.89 2.71 1.91
N TYR B 6 14.58 2.83 3.04
CA TYR B 6 14.17 2.19 4.29
C TYR B 6 12.83 2.68 4.85
N GLY B 7 11.75 2.46 4.10
CA GLY B 7 10.41 2.77 4.56
C GLY B 7 9.85 4.08 4.04
N ASP B 8 10.51 4.67 3.06
CA ASP B 8 10.10 5.97 2.53
C ASP B 8 8.97 5.84 1.51
N GLY B 9 7.99 6.74 1.61
CA GLY B 9 6.93 6.85 0.63
C GLY B 9 5.83 5.80 0.75
N ILE B 10 5.68 5.24 1.94
CA ILE B 10 4.67 4.20 2.16
C ILE B 10 3.55 4.67 3.09
#